data_7BAI
#
_entry.id   7BAI
#
_cell.length_a   84.523
_cell.length_b   135.126
_cell.length_c   110.374
_cell.angle_alpha   90.00
_cell.angle_beta   90.00
_cell.angle_gamma   90.00
#
_symmetry.space_group_name_H-M   'C 2 2 21'
#
loop_
_entity.id
_entity.type
_entity.pdbx_description
1 polymer 'Antiviral innate immune response receptor RIG-I'
2 polymer "RNA (5'-R(*(GDP)P*AP*CP*GP*CP*UP*AP*GP*CP*GP*UP*C)-3')"
3 non-polymer 'ZINC ION'
#
loop_
_entity_poly.entity_id
_entity_poly.type
_entity_poly.pdbx_seq_one_letter_code
_entity_poly.pdbx_strand_id
1 'polypeptide(L)'
;GAMDKENKKLLCRKCKALACYTADVRVIEECHYTVLGDAFKECFVSRPHPKPKQFSSFEKRAKIFCARQNCSHDWGIHVK
YKTFEIPVIKIESFVVEDIATGVQTLYSKWKDFHFEKIPFDPAEMSK
;
A,B,E
2 'polyribonucleotide' (GDP)ACGCUAGCGUC C,D,V
#
# COMPACT_ATOMS: atom_id res chain seq x y z
N GLU A 6 -2.29 25.04 -3.96
CA GLU A 6 -3.16 26.21 -3.90
C GLU A 6 -4.53 25.85 -3.31
N ASN A 7 -5.23 26.85 -2.78
CA ASN A 7 -6.49 26.61 -2.11
C ASN A 7 -7.48 25.93 -3.04
N LYS A 8 -8.21 24.97 -2.50
CA LYS A 8 -9.22 24.22 -3.22
C LYS A 8 -10.48 24.13 -2.37
N LYS A 9 -11.62 23.94 -3.01
CA LYS A 9 -12.86 23.70 -2.29
C LYS A 9 -13.29 22.25 -2.49
N LEU A 10 -14.03 21.74 -1.52
CA LEU A 10 -14.60 20.40 -1.57
C LEU A 10 -16.12 20.48 -1.80
N LEU A 11 -16.59 19.72 -2.78
CA LEU A 11 -18.02 19.62 -3.05
C LEU A 11 -18.47 18.20 -2.77
N CYS A 12 -19.70 18.07 -2.31
CA CYS A 12 -20.31 16.75 -2.12
C CYS A 12 -20.34 15.97 -3.42
N ARG A 13 -19.84 14.72 -3.39
CA ARG A 13 -19.73 13.94 -4.61
C ARG A 13 -21.09 13.70 -5.25
N LYS A 14 -22.15 13.65 -4.46
CA LYS A 14 -23.46 13.28 -5.00
C LYS A 14 -24.17 14.48 -5.61
N CYS A 15 -24.29 15.57 -4.85
CA CYS A 15 -25.05 16.74 -5.26
C CYS A 15 -24.20 17.95 -5.60
N LYS A 16 -22.89 17.89 -5.39
CA LYS A 16 -21.93 18.94 -5.73
C LYS A 16 -22.08 20.17 -4.85
N ALA A 17 -22.82 20.08 -3.75
CA ALA A 17 -22.88 21.22 -2.83
C ALA A 17 -21.53 21.44 -2.19
N LEU A 18 -21.21 22.72 -1.94
CA LEU A 18 -19.98 23.09 -1.26
C LEU A 18 -19.95 22.56 0.17
N ALA A 19 -18.81 21.99 0.56
CA ALA A 19 -18.61 21.48 1.90
C ALA A 19 -17.67 22.36 2.70
N CYS A 20 -16.47 22.63 2.17
CA CYS A 20 -15.49 23.47 2.85
C CYS A 20 -14.37 23.75 1.85
N TYR A 21 -13.31 24.40 2.33
CA TYR A 21 -12.12 24.67 1.53
C TYR A 21 -10.93 23.99 2.18
N THR A 22 -9.96 23.60 1.33
CA THR A 22 -8.75 22.95 1.84
C THR A 22 -8.06 23.81 2.89
N ALA A 23 -8.22 25.13 2.81
CA ALA A 23 -7.65 26.02 3.82
C ALA A 23 -8.17 25.72 5.22
N ASP A 24 -9.40 25.20 5.32
CA ASP A 24 -10.00 24.90 6.63
C ASP A 24 -9.66 23.51 7.13
N VAL A 25 -9.01 22.70 6.31
CA VAL A 25 -8.73 21.30 6.64
C VAL A 25 -7.49 21.22 7.51
N ARG A 26 -7.55 20.34 8.51
CA ARG A 26 -6.45 20.09 9.44
C ARG A 26 -6.26 18.59 9.55
N VAL A 27 -5.01 18.20 9.79
CA VAL A 27 -4.60 16.80 9.80
C VAL A 27 -4.24 16.41 11.22
N ILE A 28 -4.75 15.26 11.67
CA ILE A 28 -4.49 14.78 13.02
C ILE A 28 -3.69 13.49 12.91
N GLU A 29 -2.47 13.51 13.48
CA GLU A 29 -1.56 12.36 13.48
C GLU A 29 -1.22 11.89 12.06
N GLU A 30 -1.13 12.86 11.15
CA GLU A 30 -0.80 12.64 9.75
C GLU A 30 -1.64 11.57 9.06
N CYS A 31 -2.87 11.35 9.52
CA CYS A 31 -3.67 10.24 9.02
C CYS A 31 -5.17 10.55 8.92
N HIS A 32 -5.72 11.39 9.79
CA HIS A 32 -7.15 11.70 9.83
C HIS A 32 -7.34 13.18 9.57
N TYR A 33 -8.39 13.54 8.85
CA TYR A 33 -8.60 14.91 8.38
C TYR A 33 -9.91 15.50 8.93
N THR A 34 -9.81 16.67 9.55
CA THR A 34 -10.96 17.37 10.11
C THR A 34 -11.01 18.77 9.54
N VAL A 35 -12.09 19.50 9.85
CA VAL A 35 -12.27 20.87 9.38
C VAL A 35 -12.70 21.76 10.55
N LEU A 36 -12.11 22.94 10.62
CA LEU A 36 -12.40 23.89 11.69
C LEU A 36 -13.49 24.86 11.24
N GLY A 37 -14.00 25.63 12.20
CA GLY A 37 -14.96 26.68 11.90
C GLY A 37 -16.39 26.22 11.97
N ASP A 38 -17.28 27.16 12.29
CA ASP A 38 -18.70 26.87 12.40
C ASP A 38 -19.39 26.72 11.05
N ALA A 39 -18.82 27.35 10.01
CA ALA A 39 -19.46 27.27 8.70
C ALA A 39 -19.59 25.82 8.28
N PHE A 40 -18.51 25.05 8.43
CA PHE A 40 -18.55 23.64 8.07
C PHE A 40 -19.57 22.92 8.94
N LYS A 41 -19.63 23.29 10.23
CA LYS A 41 -20.55 22.65 11.16
C LYS A 41 -21.99 22.76 10.68
N GLU A 42 -22.31 23.87 9.99
CA GLU A 42 -23.67 24.03 9.46
C GLU A 42 -23.97 23.12 8.26
N CYS A 43 -22.96 22.61 7.56
CA CYS A 43 -23.18 21.91 6.30
C CYS A 43 -23.45 20.42 6.47
N PHE A 44 -23.31 19.88 7.68
CA PHE A 44 -23.53 18.46 7.90
C PHE A 44 -24.35 18.23 9.17
N VAL A 45 -25.02 17.09 9.19
CA VAL A 45 -25.71 16.59 10.36
C VAL A 45 -25.03 15.30 10.78
N SER A 46 -25.21 14.95 12.04
CA SER A 46 -24.55 13.81 12.65
C SER A 46 -25.61 12.81 13.08
N ARG A 47 -25.19 11.59 13.35
CA ARG A 47 -26.14 10.55 13.73
C ARG A 47 -25.38 9.49 14.51
N PRO A 48 -25.87 9.10 15.72
CA PRO A 48 -25.17 8.09 16.53
C PRO A 48 -24.70 6.92 15.70
N HIS A 49 -23.42 6.63 15.78
CA HIS A 49 -22.83 5.58 14.97
C HIS A 49 -23.45 4.24 15.30
N PRO A 50 -23.83 3.45 14.29
CA PRO A 50 -24.42 2.13 14.57
C PRO A 50 -23.41 1.13 15.11
N LYS A 51 -22.12 1.34 14.86
CA LYS A 51 -21.06 0.46 15.33
C LYS A 51 -19.94 1.26 15.98
N PRO A 52 -20.23 1.99 17.07
CA PRO A 52 -19.21 2.84 17.70
C PRO A 52 -18.09 1.95 18.22
N LYS A 53 -16.88 2.52 18.31
CA LYS A 53 -15.76 1.75 18.82
C LYS A 53 -14.56 2.64 19.10
N GLN A 54 -13.58 2.06 19.79
CA GLN A 54 -12.38 2.72 20.24
C GLN A 54 -11.15 2.22 19.51
N PHE A 55 -10.27 3.15 19.18
CA PHE A 55 -8.97 2.91 18.60
C PHE A 55 -8.15 4.18 18.73
N SER A 56 -6.83 4.03 18.79
CA SER A 56 -5.87 5.14 18.87
C SER A 56 -6.29 6.10 19.98
N SER A 57 -6.38 7.41 19.71
CA SER A 57 -6.65 8.45 20.68
C SER A 57 -8.07 9.02 20.62
N PHE A 58 -8.99 8.43 19.87
CA PHE A 58 -10.35 8.96 19.87
C PHE A 58 -11.40 7.90 19.61
N GLU A 59 -12.59 8.14 20.16
CA GLU A 59 -13.74 7.27 20.07
C GLU A 59 -14.75 7.70 19.03
N LYS A 60 -15.27 6.71 18.30
CA LYS A 60 -16.13 6.93 17.15
C LYS A 60 -17.54 6.95 17.71
N ARG A 61 -18.20 8.10 17.66
CA ARG A 61 -19.48 8.26 18.31
C ARG A 61 -20.64 8.35 17.34
N ALA A 62 -20.47 9.08 16.24
CA ALA A 62 -21.56 9.32 15.32
C ALA A 62 -21.08 9.14 13.89
N LYS A 63 -22.02 8.78 13.02
CA LYS A 63 -21.85 8.84 11.59
C LYS A 63 -22.39 10.19 11.13
N ILE A 64 -21.77 10.79 10.12
CA ILE A 64 -22.25 12.08 9.65
C ILE A 64 -22.65 11.98 8.18
N PHE A 65 -23.66 12.76 7.79
CA PHE A 65 -24.23 12.72 6.46
C PHE A 65 -24.55 14.14 6.01
N CYS A 66 -24.63 14.33 4.69
CA CYS A 66 -25.07 15.60 4.12
C CYS A 66 -26.41 16.04 4.69
N ALA A 67 -26.48 17.31 5.13
CA ALA A 67 -27.69 17.84 5.73
C ALA A 67 -28.84 18.04 4.73
N ARG A 68 -28.51 18.26 3.45
CA ARG A 68 -29.47 18.45 2.36
C ARG A 68 -30.58 17.41 2.19
N GLN A 69 -30.61 16.36 3.00
CA GLN A 69 -31.67 15.35 3.01
C GLN A 69 -31.68 14.60 1.66
N ASN A 70 -32.31 15.12 0.58
CA ASN A 70 -32.33 14.32 -0.66
C ASN A 70 -30.92 13.91 -1.11
N CYS A 71 -29.88 14.39 -0.44
CA CYS A 71 -28.54 13.93 -0.75
C CYS A 71 -28.15 12.95 0.36
N SER A 72 -27.82 13.47 1.55
CA SER A 72 -27.49 12.64 2.73
C SER A 72 -26.34 11.67 2.48
N HIS A 73 -25.45 12.02 1.56
CA HIS A 73 -24.30 11.20 1.21
C HIS A 73 -23.43 11.00 2.44
N ASP A 74 -23.00 9.76 2.69
CA ASP A 74 -22.14 9.44 3.82
C ASP A 74 -20.81 10.16 3.70
N TRP A 75 -20.52 11.03 4.68
CA TRP A 75 -19.32 11.87 4.70
C TRP A 75 -18.26 11.42 5.70
N GLY A 76 -18.56 10.46 6.58
CA GLY A 76 -17.60 10.03 7.58
C GLY A 76 -18.16 9.84 8.97
N ILE A 77 -17.49 10.37 9.99
CA ILE A 77 -17.92 10.14 11.36
C ILE A 77 -17.60 11.36 12.22
N HIS A 78 -18.17 11.38 13.42
CA HIS A 78 -17.82 12.35 14.45
C HIS A 78 -17.21 11.62 15.64
N VAL A 79 -16.14 12.18 16.20
CA VAL A 79 -15.39 11.52 17.26
C VAL A 79 -15.07 12.52 18.37
N LYS A 80 -14.76 11.97 19.55
CA LYS A 80 -14.17 12.72 20.65
C LYS A 80 -12.66 12.55 20.65
N TYR A 81 -11.92 13.64 20.40
CA TYR A 81 -10.46 13.60 20.38
C TYR A 81 -9.88 14.63 21.34
N LYS A 82 -9.23 14.15 22.40
CA LYS A 82 -8.77 14.99 23.51
C LYS A 82 -9.90 15.80 24.12
N THR A 83 -9.79 17.13 24.11
CA THR A 83 -10.87 17.93 24.67
C THR A 83 -11.79 18.53 23.60
N PHE A 84 -11.83 17.92 22.42
CA PHE A 84 -12.65 18.40 21.32
C PHE A 84 -13.49 17.26 20.80
N GLU A 85 -14.66 17.60 20.26
CA GLU A 85 -15.48 16.67 19.49
C GLU A 85 -15.56 17.26 18.09
N ILE A 86 -14.95 16.58 17.12
CA ILE A 86 -14.79 17.17 15.79
C ILE A 86 -15.18 16.14 14.74
N PRO A 87 -15.56 16.60 13.55
CA PRO A 87 -15.83 15.69 12.44
C PRO A 87 -14.58 15.20 11.75
N VAL A 88 -14.60 13.93 11.33
CA VAL A 88 -13.56 13.35 10.49
C VAL A 88 -14.22 12.84 9.22
N ILE A 89 -13.77 13.35 8.09
CA ILE A 89 -14.38 13.15 6.78
C ILE A 89 -13.49 12.26 5.91
N LYS A 90 -14.10 11.57 4.96
CA LYS A 90 -13.36 10.73 4.02
C LYS A 90 -13.42 11.36 2.64
N ILE A 91 -12.24 11.64 2.07
CA ILE A 91 -12.16 12.38 0.81
C ILE A 91 -12.93 11.67 -0.30
N GLU A 92 -13.10 10.35 -0.19
CA GLU A 92 -13.77 9.57 -1.22
C GLU A 92 -15.23 9.99 -1.39
N SER A 93 -15.78 10.74 -0.44
CA SER A 93 -17.17 11.18 -0.45
C SER A 93 -17.35 12.55 -1.12
N PHE A 94 -16.30 13.13 -1.68
CA PHE A 94 -16.35 14.50 -2.19
C PHE A 94 -15.70 14.60 -3.57
N VAL A 95 -16.01 15.69 -4.25
CA VAL A 95 -15.28 16.14 -5.43
C VAL A 95 -14.44 17.33 -5.02
N VAL A 96 -13.16 17.30 -5.36
CA VAL A 96 -12.27 18.43 -5.15
C VAL A 96 -12.31 19.26 -6.43
N GLU A 97 -12.65 20.54 -6.30
CA GLU A 97 -12.67 21.43 -7.46
C GLU A 97 -11.66 22.54 -7.24
N ASP A 98 -10.73 22.70 -8.19
CA ASP A 98 -9.83 23.84 -8.13
C ASP A 98 -10.65 25.09 -8.40
N ILE A 99 -10.60 26.05 -7.49
CA ILE A 99 -11.47 27.22 -7.57
C ILE A 99 -11.13 28.07 -8.78
N ALA A 100 -9.84 28.15 -9.14
CA ALA A 100 -9.43 29.00 -10.24
C ALA A 100 -9.84 28.44 -11.60
N THR A 101 -9.79 27.12 -11.78
CA THR A 101 -10.01 26.52 -13.10
C THR A 101 -11.34 25.79 -13.22
N GLY A 102 -11.88 25.29 -12.12
CA GLY A 102 -13.11 24.52 -12.17
C GLY A 102 -12.86 23.05 -12.35
N VAL A 103 -11.61 22.66 -12.59
CA VAL A 103 -11.23 21.26 -12.71
C VAL A 103 -11.67 20.50 -11.48
N GLN A 104 -12.36 19.38 -11.69
CA GLN A 104 -12.90 18.59 -10.60
C GLN A 104 -12.04 17.33 -10.49
N THR A 105 -11.72 16.93 -9.26
CA THR A 105 -10.89 15.75 -9.04
C THR A 105 -11.57 14.77 -8.10
N LEU A 106 -11.57 13.49 -8.47
CA LEU A 106 -12.13 12.43 -7.63
C LEU A 106 -11.02 11.60 -6.99
N TYR A 107 -10.74 11.83 -5.72
CA TYR A 107 -9.79 11.01 -4.98
C TYR A 107 -10.50 9.89 -4.23
N SER A 108 -9.74 8.85 -3.91
CA SER A 108 -10.21 7.72 -3.13
C SER A 108 -9.50 7.61 -1.79
N LYS A 109 -8.26 8.07 -1.70
CA LYS A 109 -7.45 8.00 -0.49
C LYS A 109 -6.78 9.35 -0.26
N TRP A 110 -6.68 9.74 1.00
CA TRP A 110 -6.00 10.99 1.37
C TRP A 110 -4.54 11.01 0.96
N LYS A 111 -3.89 9.86 0.95
CA LYS A 111 -2.48 9.77 0.55
C LYS A 111 -2.24 10.39 -0.82
N ASP A 112 -3.22 10.36 -1.71
CA ASP A 112 -3.03 10.86 -3.06
C ASP A 112 -3.27 12.35 -3.24
N PHE A 113 -4.01 13.01 -2.36
CA PHE A 113 -4.29 14.44 -2.51
C PHE A 113 -3.20 15.24 -1.81
N HIS A 114 -2.33 15.88 -2.60
CA HIS A 114 -1.17 16.59 -2.07
C HIS A 114 -1.46 18.09 -2.06
N PHE A 115 -1.51 18.64 -0.85
CA PHE A 115 -1.74 20.06 -0.61
C PHE A 115 -1.08 20.39 0.71
N GLU A 116 -1.11 21.66 1.07
CA GLU A 116 -0.54 22.09 2.35
C GLU A 116 -1.30 21.43 3.48
N LYS A 117 -0.77 20.32 4.01
CA LYS A 117 -1.46 19.56 5.05
C LYS A 117 -1.07 20.12 6.41
N ILE A 118 -1.77 21.18 6.83
CA ILE A 118 -1.53 21.82 8.12
C ILE A 118 -1.92 20.87 9.25
N PRO A 119 -0.99 20.57 10.17
CA PRO A 119 -1.36 19.71 11.30
C PRO A 119 -2.32 20.39 12.25
N PHE A 120 -3.22 19.60 12.82
CA PHE A 120 -4.19 20.11 13.78
C PHE A 120 -3.45 20.75 14.94
N ASP A 121 -3.97 21.88 15.42
CA ASP A 121 -3.35 22.59 16.54
C ASP A 121 -4.42 22.91 17.57
N PRO A 122 -4.33 22.34 18.78
CA PRO A 122 -5.32 22.56 19.85
C PRO A 122 -5.59 24.02 20.20
N ALA A 123 -4.65 24.92 19.94
CA ALA A 123 -4.88 26.31 20.33
C ALA A 123 -5.86 27.01 19.39
N GLU A 124 -5.95 26.55 18.14
CA GLU A 124 -6.97 27.05 17.22
C GLU A 124 -8.15 26.08 17.21
N MET A 125 -9.34 26.60 17.48
CA MET A 125 -10.56 25.80 17.49
C MET A 125 -10.44 24.57 18.39
N ASP B 4 13.85 -1.33 -14.70
CA ASP B 4 14.28 -2.33 -15.67
C ASP B 4 13.10 -3.15 -16.19
N LYS B 5 13.19 -3.57 -17.45
CA LYS B 5 12.21 -4.44 -18.08
C LYS B 5 12.79 -5.82 -18.38
N GLU B 6 13.77 -6.24 -17.57
CA GLU B 6 14.41 -7.54 -17.70
C GLU B 6 13.45 -8.67 -17.36
N ASN B 7 13.82 -9.87 -17.81
CA ASN B 7 12.97 -11.04 -17.65
C ASN B 7 12.90 -11.43 -16.18
N LYS B 8 11.71 -11.86 -15.75
CA LYS B 8 11.42 -12.21 -14.36
C LYS B 8 10.56 -13.46 -14.36
N LYS B 9 10.47 -14.13 -13.22
CA LYS B 9 9.64 -15.32 -13.11
C LYS B 9 8.43 -15.06 -12.24
N LEU B 10 7.33 -15.71 -12.59
CA LEU B 10 6.12 -15.66 -11.79
C LEU B 10 6.06 -16.92 -10.95
N LEU B 11 5.85 -16.76 -9.64
CA LEU B 11 5.69 -17.87 -8.73
C LEU B 11 4.26 -17.89 -8.23
N CYS B 12 3.73 -19.09 -8.00
CA CYS B 12 2.44 -19.20 -7.35
C CYS B 12 2.46 -18.48 -6.00
N ARG B 13 1.49 -17.59 -5.79
CA ARG B 13 1.47 -16.80 -4.56
C ARG B 13 1.32 -17.66 -3.31
N LYS B 14 0.66 -18.81 -3.43
CA LYS B 14 0.36 -19.64 -2.27
C LYS B 14 1.47 -20.61 -1.93
N CYS B 15 2.00 -21.32 -2.93
CA CYS B 15 3.03 -22.32 -2.71
C CYS B 15 4.41 -21.92 -3.22
N LYS B 16 4.53 -20.79 -3.93
CA LYS B 16 5.80 -20.25 -4.42
C LYS B 16 6.39 -21.09 -5.55
N ALA B 17 5.65 -22.06 -6.07
CA ALA B 17 6.15 -22.85 -7.17
C ALA B 17 6.26 -21.98 -8.42
N LEU B 18 7.26 -22.25 -9.24
CA LEU B 18 7.46 -21.54 -10.49
C LEU B 18 6.32 -21.82 -11.48
N ALA B 19 5.79 -20.76 -12.07
CA ALA B 19 4.71 -20.86 -13.04
C ALA B 19 5.18 -20.59 -14.46
N CYS B 20 5.84 -19.46 -14.70
CA CYS B 20 6.37 -19.14 -16.02
C CYS B 20 7.37 -18.00 -15.87
N TYR B 21 7.79 -17.45 -17.01
CA TYR B 21 8.62 -16.25 -17.08
C TYR B 21 7.90 -15.18 -17.89
N THR B 22 8.33 -13.94 -17.67
CA THR B 22 7.72 -12.82 -18.39
C THR B 22 7.96 -12.91 -19.89
N ALA B 23 9.02 -13.59 -20.31
CA ALA B 23 9.27 -13.80 -21.74
C ALA B 23 8.10 -14.49 -22.44
N ASP B 24 7.41 -15.40 -21.75
CA ASP B 24 6.32 -16.15 -22.35
C ASP B 24 4.98 -15.42 -22.30
N VAL B 25 4.90 -14.30 -21.61
CA VAL B 25 3.61 -13.62 -21.43
C VAL B 25 3.34 -12.77 -22.66
N ARG B 26 2.08 -12.78 -23.11
CA ARG B 26 1.60 -11.97 -24.22
C ARG B 26 0.35 -11.22 -23.80
N VAL B 27 0.17 -10.02 -24.35
CA VAL B 27 -0.96 -9.17 -23.98
C VAL B 27 -1.98 -9.17 -25.11
N ILE B 28 -3.25 -9.28 -24.73
CA ILE B 28 -4.41 -9.31 -25.61
C ILE B 28 -5.31 -8.14 -25.26
N GLU B 29 -5.57 -7.29 -26.26
CA GLU B 29 -6.38 -6.08 -26.12
C GLU B 29 -5.80 -5.11 -25.10
N GLU B 30 -4.48 -5.13 -24.95
CA GLU B 30 -3.75 -4.25 -24.03
C GLU B 30 -4.33 -4.31 -22.62
N CYS B 31 -5.00 -5.40 -22.29
CA CYS B 31 -5.70 -5.54 -21.02
C CYS B 31 -5.56 -6.90 -20.36
N HIS B 32 -5.51 -7.99 -21.14
CA HIS B 32 -5.51 -9.35 -20.60
C HIS B 32 -4.18 -10.01 -20.94
N TYR B 33 -3.67 -10.82 -20.02
CA TYR B 33 -2.34 -11.42 -20.17
C TYR B 33 -2.45 -12.94 -20.21
N THR B 34 -1.79 -13.54 -21.21
CA THR B 34 -1.77 -14.98 -21.44
C THR B 34 -0.33 -15.47 -21.46
N VAL B 35 -0.15 -16.79 -21.51
CA VAL B 35 1.17 -17.41 -21.52
C VAL B 35 1.29 -18.40 -22.66
N LEU B 36 2.36 -18.27 -23.44
CA LEU B 36 2.65 -19.16 -24.55
C LEU B 36 3.50 -20.33 -24.08
N GLY B 37 3.48 -21.41 -24.85
CA GLY B 37 4.34 -22.55 -24.62
C GLY B 37 3.59 -23.71 -24.01
N ASP B 38 4.13 -24.91 -24.23
CA ASP B 38 3.49 -26.11 -23.70
C ASP B 38 3.88 -26.38 -22.25
N ALA B 39 5.06 -25.93 -21.84
CA ALA B 39 5.53 -26.15 -20.47
C ALA B 39 4.53 -25.60 -19.45
N PHE B 40 4.04 -24.38 -19.69
CA PHE B 40 3.08 -23.76 -18.79
C PHE B 40 1.80 -24.57 -18.70
N LYS B 41 1.42 -25.24 -19.79
CA LYS B 41 0.19 -26.01 -19.81
C LYS B 41 0.22 -27.15 -18.79
N GLU B 42 1.41 -27.57 -18.37
CA GLU B 42 1.56 -28.61 -17.36
C GLU B 42 1.40 -28.09 -15.94
N CYS B 43 1.44 -26.76 -15.75
CA CYS B 43 1.51 -26.16 -14.43
C CYS B 43 0.15 -25.79 -13.87
N PHE B 44 -0.91 -25.89 -14.66
CA PHE B 44 -2.24 -25.54 -14.17
C PHE B 44 -3.26 -26.57 -14.62
N VAL B 45 -4.36 -26.63 -13.87
CA VAL B 45 -5.53 -27.42 -14.20
C VAL B 45 -6.71 -26.46 -14.35
N SER B 46 -7.75 -26.94 -15.01
CA SER B 46 -8.93 -26.13 -15.28
C SER B 46 -10.14 -26.72 -14.59
N ARG B 47 -11.19 -25.92 -14.47
CA ARG B 47 -12.44 -26.42 -13.92
C ARG B 47 -13.55 -25.54 -14.46
N PRO B 48 -14.62 -26.15 -15.00
CA PRO B 48 -15.69 -25.36 -15.63
C PRO B 48 -16.18 -24.19 -14.79
N HIS B 49 -16.40 -23.07 -15.46
CA HIS B 49 -16.83 -21.86 -14.78
C HIS B 49 -18.28 -22.03 -14.33
N PRO B 50 -18.59 -21.83 -13.04
CA PRO B 50 -19.99 -22.03 -12.63
C PRO B 50 -20.93 -21.03 -13.27
N LYS B 51 -20.49 -19.81 -13.52
CA LYS B 51 -21.32 -18.77 -14.13
C LYS B 51 -20.56 -18.23 -15.33
N PRO B 52 -20.42 -19.04 -16.39
CA PRO B 52 -19.65 -18.59 -17.56
C PRO B 52 -20.33 -17.40 -18.21
N LYS B 53 -19.70 -16.24 -18.21
CA LYS B 53 -20.28 -15.14 -18.97
C LYS B 53 -19.45 -14.84 -20.21
N GLN B 54 -20.09 -14.17 -21.15
CA GLN B 54 -19.49 -13.75 -22.40
C GLN B 54 -19.30 -12.24 -22.40
N PHE B 55 -18.26 -11.78 -23.09
CA PHE B 55 -18.04 -10.35 -23.26
C PHE B 55 -16.96 -10.12 -24.31
N SER B 56 -16.99 -8.92 -24.88
CA SER B 56 -16.09 -8.49 -25.94
C SER B 56 -16.00 -9.49 -27.09
N SER B 57 -14.79 -10.00 -27.33
CA SER B 57 -14.52 -10.86 -28.47
C SER B 57 -14.21 -12.30 -28.10
N PHE B 58 -14.36 -12.68 -26.83
CA PHE B 58 -14.08 -14.06 -26.46
C PHE B 58 -15.02 -14.57 -25.37
N GLU B 59 -14.89 -15.86 -25.07
CA GLU B 59 -15.85 -16.60 -24.25
C GLU B 59 -15.19 -17.28 -23.07
N LYS B 60 -15.66 -16.98 -21.85
CA LYS B 60 -15.07 -17.54 -20.62
C LYS B 60 -15.61 -18.94 -20.36
N ARG B 61 -14.75 -19.96 -20.45
CA ARG B 61 -15.24 -21.32 -20.27
C ARG B 61 -14.90 -21.91 -18.91
N ALA B 62 -13.74 -21.58 -18.33
CA ALA B 62 -13.33 -22.27 -17.11
C ALA B 62 -12.37 -21.38 -16.33
N LYS B 63 -12.24 -21.69 -15.04
CA LYS B 63 -11.24 -21.12 -14.16
C LYS B 63 -10.02 -22.04 -14.16
N ILE B 64 -8.84 -21.47 -13.94
CA ILE B 64 -7.61 -22.26 -13.88
C ILE B 64 -6.93 -22.09 -12.53
N PHE B 65 -6.34 -23.19 -12.05
CA PHE B 65 -5.74 -23.27 -10.73
C PHE B 65 -4.36 -23.93 -10.80
N CYS B 66 -3.53 -23.61 -9.80
CA CYS B 66 -2.25 -24.26 -9.57
C CYS B 66 -2.40 -25.78 -9.54
N ALA B 67 -1.55 -26.49 -10.30
CA ALA B 67 -1.65 -27.94 -10.42
C ALA B 67 -1.20 -28.68 -9.16
N ARG B 68 -0.45 -28.04 -8.26
CA ARG B 68 -0.06 -28.66 -7.00
C ARG B 68 -1.31 -29.01 -6.21
N GLN B 69 -1.44 -30.27 -5.80
CA GLN B 69 -2.63 -30.66 -5.03
C GLN B 69 -2.65 -30.10 -3.61
N ASN B 70 -1.68 -29.27 -3.25
CA ASN B 70 -1.53 -28.75 -1.90
C ASN B 70 -1.67 -27.24 -1.98
N CYS B 71 -1.94 -26.74 -3.18
CA CYS B 71 -2.26 -25.35 -3.48
C CYS B 71 -3.61 -25.07 -4.13
N SER B 72 -3.70 -25.31 -5.44
CA SER B 72 -4.91 -25.11 -6.25
C SER B 72 -5.42 -23.68 -6.08
N HIS B 73 -4.48 -22.73 -6.05
CA HIS B 73 -4.75 -21.31 -5.96
C HIS B 73 -5.43 -20.81 -7.23
N ASP B 74 -6.47 -19.98 -7.08
CA ASP B 74 -7.16 -19.45 -8.24
C ASP B 74 -6.20 -18.57 -9.05
N TRP B 75 -5.95 -18.96 -10.30
CA TRP B 75 -5.00 -18.28 -11.18
C TRP B 75 -5.67 -17.45 -12.28
N GLY B 76 -6.96 -17.59 -12.50
CA GLY B 76 -7.61 -16.86 -13.57
C GLY B 76 -8.67 -17.64 -14.29
N ILE B 77 -8.65 -17.64 -15.62
CA ILE B 77 -9.69 -18.30 -16.39
C ILE B 77 -9.08 -18.87 -17.67
N HIS B 78 -9.86 -19.72 -18.34
CA HIS B 78 -9.55 -20.20 -19.68
C HIS B 78 -10.64 -19.74 -20.63
N VAL B 79 -10.26 -19.20 -21.79
CA VAL B 79 -11.26 -18.61 -22.67
C VAL B 79 -10.98 -19.05 -24.11
N LYS B 80 -12.04 -19.08 -24.91
CA LYS B 80 -11.91 -19.15 -26.36
C LYS B 80 -11.83 -17.72 -26.91
N TYR B 81 -10.68 -17.36 -27.48
CA TYR B 81 -10.49 -16.06 -28.11
C TYR B 81 -10.20 -16.28 -29.59
N LYS B 82 -11.13 -15.82 -30.44
CA LYS B 82 -11.10 -16.07 -31.88
C LYS B 82 -11.08 -17.58 -32.08
N THR B 83 -10.03 -18.16 -32.64
CA THR B 83 -9.95 -19.61 -32.81
C THR B 83 -8.89 -20.23 -31.90
N PHE B 84 -8.79 -19.71 -30.68
CA PHE B 84 -7.80 -20.18 -29.73
C PHE B 84 -8.48 -20.50 -28.41
N GLU B 85 -7.96 -21.50 -27.71
CA GLU B 85 -8.35 -21.79 -26.33
C GLU B 85 -7.10 -21.46 -25.53
N ILE B 86 -7.15 -20.39 -24.75
CA ILE B 86 -5.94 -19.88 -24.10
C ILE B 86 -6.23 -19.49 -22.67
N PRO B 87 -5.21 -19.58 -21.83
CA PRO B 87 -5.33 -19.13 -20.44
C PRO B 87 -5.17 -17.62 -20.31
N VAL B 88 -6.00 -17.03 -19.45
CA VAL B 88 -5.86 -15.63 -19.07
C VAL B 88 -5.71 -15.58 -17.56
N ILE B 89 -4.56 -15.09 -17.11
CA ILE B 89 -4.17 -15.14 -15.71
C ILE B 89 -4.36 -13.77 -15.07
N LYS B 90 -4.71 -13.75 -13.79
CA LYS B 90 -4.75 -12.52 -13.01
C LYS B 90 -3.51 -12.39 -12.15
N ILE B 91 -2.82 -11.25 -12.28
CA ILE B 91 -1.53 -11.00 -11.64
C ILE B 91 -1.60 -11.05 -10.11
N GLU B 92 -2.77 -10.84 -9.52
CA GLU B 92 -2.84 -10.82 -8.08
C GLU B 92 -2.73 -12.21 -7.46
N SER B 93 -2.70 -13.25 -8.29
CA SER B 93 -2.52 -14.63 -7.85
C SER B 93 -1.05 -15.06 -7.80
N PHE B 94 -0.10 -14.18 -8.10
CA PHE B 94 1.30 -14.57 -8.27
C PHE B 94 2.23 -13.62 -7.52
N VAL B 95 3.48 -14.05 -7.42
CA VAL B 95 4.58 -13.25 -6.91
C VAL B 95 5.61 -13.13 -8.02
N VAL B 96 5.96 -11.90 -8.35
CA VAL B 96 6.98 -11.65 -9.38
C VAL B 96 8.33 -11.65 -8.71
N GLU B 97 9.26 -12.43 -9.24
CA GLU B 97 10.63 -12.50 -8.74
C GLU B 97 11.58 -12.08 -9.84
N ASP B 98 12.47 -11.16 -9.51
CA ASP B 98 13.52 -10.71 -10.41
C ASP B 98 14.60 -11.79 -10.45
N ILE B 99 14.97 -12.21 -11.65
CA ILE B 99 15.87 -13.35 -11.80
C ILE B 99 17.26 -13.03 -11.26
N ALA B 100 17.70 -11.78 -11.40
CA ALA B 100 19.04 -11.42 -10.97
C ALA B 100 19.17 -11.27 -9.45
N THR B 101 18.14 -10.76 -8.78
CA THR B 101 18.25 -10.46 -7.36
C THR B 101 17.43 -11.35 -6.44
N GLY B 102 16.34 -11.93 -6.91
CA GLY B 102 15.48 -12.72 -6.06
C GLY B 102 14.39 -11.91 -5.38
N VAL B 103 14.43 -10.58 -5.56
CA VAL B 103 13.44 -9.70 -4.98
C VAL B 103 12.05 -10.08 -5.43
N GLN B 104 11.11 -10.11 -4.50
CA GLN B 104 9.74 -10.54 -4.78
C GLN B 104 8.82 -9.35 -4.64
N THR B 105 7.87 -9.25 -5.57
CA THR B 105 6.92 -8.14 -5.61
C THR B 105 5.51 -8.68 -5.65
N LEU B 106 4.63 -8.07 -4.86
CA LEU B 106 3.22 -8.46 -4.83
C LEU B 106 2.40 -7.36 -5.50
N TYR B 107 2.00 -7.61 -6.74
CA TYR B 107 1.12 -6.70 -7.48
C TYR B 107 -0.33 -7.15 -7.33
N SER B 108 -1.24 -6.22 -7.57
CA SER B 108 -2.67 -6.50 -7.52
C SER B 108 -3.35 -6.29 -8.85
N LYS B 109 -2.81 -5.43 -9.70
CA LYS B 109 -3.38 -5.07 -10.99
C LYS B 109 -2.26 -5.03 -12.02
N TRP B 110 -2.57 -5.47 -13.24
CA TRP B 110 -1.57 -5.48 -14.31
C TRP B 110 -1.08 -4.08 -14.68
N LYS B 111 -1.93 -3.07 -14.58
CA LYS B 111 -1.51 -1.71 -14.92
C LYS B 111 -0.29 -1.26 -14.13
N ASP B 112 -0.09 -1.79 -12.92
CA ASP B 112 1.05 -1.37 -12.10
C ASP B 112 2.34 -2.11 -12.41
N PHE B 113 2.27 -3.27 -13.07
CA PHE B 113 3.47 -4.05 -13.34
C PHE B 113 4.03 -3.62 -14.69
N HIS B 114 5.19 -2.97 -14.68
CA HIS B 114 5.80 -2.40 -15.87
C HIS B 114 6.97 -3.31 -16.25
N PHE B 115 6.72 -4.13 -17.26
CA PHE B 115 7.69 -5.04 -17.86
C PHE B 115 7.49 -5.01 -19.36
N GLU B 116 8.37 -5.69 -20.09
CA GLU B 116 8.25 -5.75 -21.54
C GLU B 116 6.98 -6.49 -21.92
N LYS B 117 5.91 -5.74 -22.18
CA LYS B 117 4.60 -6.34 -22.46
C LYS B 117 4.52 -6.66 -23.94
N ILE B 118 5.07 -7.82 -24.29
CA ILE B 118 5.06 -8.33 -25.67
C ILE B 118 3.63 -8.60 -26.12
N PRO B 119 3.17 -7.93 -27.17
CA PRO B 119 1.81 -8.16 -27.67
C PRO B 119 1.62 -9.54 -28.29
N PHE B 120 0.39 -10.03 -28.17
CA PHE B 120 0.04 -11.36 -28.64
C PHE B 120 0.20 -11.47 -30.15
N ASP B 121 0.75 -12.59 -30.61
CA ASP B 121 0.97 -12.83 -32.02
C ASP B 121 0.36 -14.16 -32.42
N PRO B 122 -0.78 -14.14 -33.14
CA PRO B 122 -1.45 -15.37 -33.58
C PRO B 122 -0.55 -16.37 -34.28
N ALA B 123 0.57 -15.90 -34.85
CA ALA B 123 1.48 -16.80 -35.54
C ALA B 123 2.25 -17.68 -34.56
N GLU B 124 2.47 -17.23 -33.34
CA GLU B 124 3.07 -18.07 -32.32
C GLU B 124 2.00 -18.88 -31.59
N LYS E 5 13.42 6.05 -6.53
CA LYS E 5 13.87 7.44 -6.51
C LYS E 5 12.81 8.37 -5.90
N GLU E 6 11.74 7.76 -5.39
CA GLU E 6 10.62 8.47 -4.78
C GLU E 6 10.34 7.87 -3.42
N ASN E 7 9.71 8.68 -2.54
CA ASN E 7 9.45 8.24 -1.17
C ASN E 7 8.64 6.95 -1.17
N LYS E 8 8.99 6.06 -0.26
CA LYS E 8 8.36 4.77 -0.07
C LYS E 8 8.13 4.57 1.43
N LYS E 9 7.17 3.73 1.80
CA LYS E 9 7.05 3.43 3.22
C LYS E 9 7.48 2.00 3.52
N LEU E 10 7.95 1.78 4.74
CA LEU E 10 8.32 0.48 5.24
C LEU E 10 7.27 0.03 6.25
N LEU E 11 6.75 -1.19 6.03
CA LEU E 11 5.80 -1.85 6.89
C LEU E 11 6.46 -3.10 7.48
N CYS E 12 6.07 -3.44 8.70
CA CYS E 12 6.54 -4.70 9.29
C CYS E 12 6.14 -5.89 8.43
N ARG E 13 7.11 -6.74 8.10
CA ARG E 13 6.86 -7.88 7.20
C ARG E 13 5.80 -8.85 7.73
N LYS E 14 5.66 -8.96 9.05
CA LYS E 14 4.78 -10.00 9.60
C LYS E 14 3.33 -9.54 9.67
N CYS E 15 3.06 -8.37 10.26
CA CYS E 15 1.69 -7.90 10.47
C CYS E 15 1.31 -6.72 9.57
N LYS E 16 2.25 -6.19 8.79
CA LYS E 16 2.04 -5.11 7.82
C LYS E 16 1.74 -3.76 8.47
N ALA E 17 1.97 -3.63 9.78
CA ALA E 17 1.81 -2.32 10.40
C ALA E 17 2.88 -1.38 9.84
N LEU E 18 2.51 -0.11 9.71
CA LEU E 18 3.47 0.89 9.25
C LEU E 18 4.61 1.04 10.25
N ALA E 19 5.83 1.07 9.73
CA ALA E 19 7.03 1.24 10.55
C ALA E 19 7.65 2.61 10.34
N CYS E 20 7.92 2.99 9.11
CA CYS E 20 8.53 4.31 8.87
C CYS E 20 8.51 4.60 7.38
N TYR E 21 9.14 5.71 6.98
CA TYR E 21 9.28 6.09 5.59
C TYR E 21 10.75 6.19 5.20
N THR E 22 11.01 5.91 3.92
CA THR E 22 12.37 5.99 3.41
C THR E 22 12.98 7.36 3.66
N ALA E 23 12.14 8.40 3.73
CA ALA E 23 12.62 9.74 4.03
C ALA E 23 13.32 9.81 5.38
N ASP E 24 12.94 8.94 6.33
CA ASP E 24 13.53 8.97 7.66
C ASP E 24 14.78 8.12 7.78
N VAL E 25 15.11 7.34 6.75
CA VAL E 25 16.22 6.38 6.81
C VAL E 25 17.53 7.08 6.48
N ARG E 26 18.58 6.71 7.21
CA ARG E 26 19.91 7.28 7.01
C ARG E 26 20.92 6.15 6.94
N VAL E 27 21.98 6.36 6.15
CA VAL E 27 22.97 5.33 5.89
C VAL E 27 24.30 5.73 6.54
N ILE E 28 24.90 4.78 7.25
CA ILE E 28 26.17 4.97 7.93
C ILE E 28 27.19 4.05 7.28
N GLU E 29 28.26 4.64 6.74
CA GLU E 29 29.35 3.92 6.09
C GLU E 29 28.89 3.09 4.89
N GLU E 30 27.88 3.61 4.17
CA GLU E 30 27.33 2.95 2.98
C GLU E 30 26.96 1.49 3.21
N CYS E 31 26.67 1.14 4.45
CA CYS E 31 26.48 -0.26 4.80
C CYS E 31 25.39 -0.48 5.86
N HIS E 32 25.17 0.43 6.80
CA HIS E 32 24.22 0.22 7.87
C HIS E 32 23.12 1.26 7.79
N TYR E 33 21.89 0.84 8.09
CA TYR E 33 20.71 1.68 7.89
C TYR E 33 19.99 1.93 9.20
N THR E 34 19.74 3.20 9.51
CA THR E 34 19.05 3.62 10.73
C THR E 34 17.86 4.49 10.36
N VAL E 35 17.05 4.84 11.37
CA VAL E 35 15.87 5.68 11.17
C VAL E 35 15.87 6.80 12.21
N LEU E 36 15.51 8.01 11.78
CA LEU E 36 15.47 9.18 12.64
C LEU E 36 14.08 9.40 13.22
N GLY E 37 14.02 10.29 14.21
CA GLY E 37 12.74 10.72 14.78
C GLY E 37 12.32 9.88 15.96
N ASP E 38 11.55 10.50 16.85
CA ASP E 38 11.08 9.79 18.04
C ASP E 38 9.94 8.82 17.72
N ALA E 39 9.19 9.07 16.65
CA ALA E 39 8.07 8.19 16.32
C ALA E 39 8.57 6.77 16.13
N PHE E 40 9.66 6.61 15.38
CA PHE E 40 10.18 5.27 15.18
C PHE E 40 10.59 4.68 16.51
N LYS E 41 11.19 5.51 17.39
CA LYS E 41 11.61 5.00 18.70
C LYS E 41 10.41 4.44 19.43
N GLU E 42 9.23 5.03 19.19
CA GLU E 42 7.98 4.58 19.77
C GLU E 42 7.51 3.29 19.13
N CYS E 43 8.00 2.99 17.92
CA CYS E 43 7.48 1.88 17.12
C CYS E 43 8.16 0.54 17.41
N PHE E 44 9.22 0.52 18.22
CA PHE E 44 9.90 -0.74 18.53
C PHE E 44 10.20 -0.83 20.02
N VAL E 45 10.34 -2.07 20.47
CA VAL E 45 10.79 -2.42 21.81
C VAL E 45 12.12 -3.15 21.71
N SER E 46 12.86 -3.15 22.81
CA SER E 46 14.20 -3.71 22.83
C SER E 46 14.23 -4.89 23.79
N ARG E 47 15.26 -5.71 23.64
CA ARG E 47 15.43 -6.91 24.46
C ARG E 47 16.90 -7.31 24.44
N PRO E 48 17.52 -7.54 25.61
CA PRO E 48 18.95 -7.90 25.65
C PRO E 48 19.29 -8.94 24.58
N HIS E 49 20.30 -8.60 23.79
CA HIS E 49 20.70 -9.43 22.66
C HIS E 49 21.13 -10.82 23.11
N PRO E 50 20.68 -11.89 22.45
CA PRO E 50 21.10 -13.24 22.85
C PRO E 50 22.55 -13.53 22.51
N LYS E 51 23.13 -12.80 21.55
CA LYS E 51 24.52 -12.98 21.16
C LYS E 51 25.18 -11.60 21.06
N PRO E 52 25.21 -10.84 22.16
CA PRO E 52 25.78 -9.49 22.08
C PRO E 52 27.26 -9.60 21.72
N LYS E 53 27.77 -8.57 21.06
CA LYS E 53 29.19 -8.59 20.71
C LYS E 53 29.59 -7.22 20.17
N GLN E 54 30.90 -7.02 20.08
CA GLN E 54 31.48 -5.76 19.66
C GLN E 54 32.16 -6.00 18.31
N PHE E 55 32.03 -5.04 17.42
CA PHE E 55 32.72 -5.09 16.14
C PHE E 55 32.71 -3.73 15.46
N SER E 56 33.71 -3.53 14.60
CA SER E 56 33.91 -2.30 13.81
C SER E 56 33.83 -1.07 14.72
N SER E 57 33.03 -0.06 14.39
CA SER E 57 32.97 1.22 15.08
C SER E 57 31.74 1.38 15.99
N PHE E 58 30.98 0.31 16.22
CA PHE E 58 29.84 0.43 17.13
C PHE E 58 29.56 -0.90 17.82
N GLU E 59 29.04 -0.82 19.05
CA GLU E 59 28.74 -2.02 19.83
C GLU E 59 27.26 -2.40 19.82
N LYS E 60 27.03 -3.72 19.67
CA LYS E 60 25.70 -4.31 19.50
C LYS E 60 25.15 -4.68 20.88
N ARG E 61 24.08 -4.02 21.33
CA ARG E 61 23.64 -4.23 22.69
C ARG E 61 22.34 -5.00 22.83
N ALA E 62 21.36 -4.70 21.99
CA ALA E 62 20.03 -5.25 22.11
C ALA E 62 19.50 -5.70 20.75
N LYS E 63 18.58 -6.66 20.79
CA LYS E 63 17.77 -6.96 19.62
C LYS E 63 16.50 -6.13 19.76
N ILE E 64 15.98 -5.66 18.64
CA ILE E 64 14.78 -4.85 18.69
C ILE E 64 13.70 -5.54 17.87
N PHE E 65 12.46 -5.36 18.32
CA PHE E 65 11.32 -6.02 17.69
C PHE E 65 10.15 -5.07 17.66
N CYS E 66 9.23 -5.33 16.74
CA CYS E 66 7.96 -4.60 16.68
C CYS E 66 7.25 -4.67 18.03
N ALA E 67 6.79 -3.53 18.52
CA ALA E 67 6.14 -3.53 19.83
C ALA E 67 4.80 -4.28 19.82
N ARG E 68 4.11 -4.33 18.69
CA ARG E 68 2.84 -5.06 18.56
C ARG E 68 2.96 -6.51 19.04
N GLN E 69 2.23 -6.86 20.08
CA GLN E 69 2.16 -8.26 20.54
C GLN E 69 1.56 -9.16 19.48
N ASN E 70 2.05 -10.41 19.45
CA ASN E 70 1.74 -11.47 18.52
C ASN E 70 2.53 -11.30 17.25
N CYS E 71 3.25 -10.20 17.08
CA CYS E 71 4.13 -10.07 15.94
C CYS E 71 5.57 -10.28 16.43
N SER E 72 6.15 -9.28 17.11
CA SER E 72 7.49 -9.39 17.71
C SER E 72 8.57 -9.76 16.69
N HIS E 73 8.36 -9.42 15.42
CA HIS E 73 9.32 -9.74 14.37
C HIS E 73 10.68 -9.08 14.62
N ASP E 74 11.74 -9.86 14.50
CA ASP E 74 13.10 -9.36 14.67
C ASP E 74 13.41 -8.31 13.61
N TRP E 75 13.71 -7.09 14.04
CA TRP E 75 13.96 -5.96 13.14
C TRP E 75 15.42 -5.58 13.05
N GLY E 76 16.28 -6.13 13.90
CA GLY E 76 17.67 -5.75 13.88
C GLY E 76 18.20 -5.55 15.28
N ILE E 77 18.93 -4.45 15.51
CA ILE E 77 19.58 -4.29 16.80
C ILE E 77 19.62 -2.82 17.18
N HIS E 78 20.00 -2.58 18.43
CA HIS E 78 20.34 -1.24 18.90
C HIS E 78 21.82 -1.22 19.21
N VAL E 79 22.49 -0.13 18.82
CA VAL E 79 23.94 -0.07 18.97
C VAL E 79 24.37 1.27 19.51
N LYS E 80 25.57 1.29 20.08
CA LYS E 80 26.28 2.52 20.41
C LYS E 80 27.27 2.82 19.30
N TYR E 81 27.05 3.92 18.57
CA TYR E 81 27.93 4.34 17.47
C TYR E 81 28.40 5.76 17.73
N LYS E 82 29.71 5.91 17.97
CA LYS E 82 30.28 7.18 18.42
C LYS E 82 29.56 7.66 19.67
N THR E 83 28.95 8.84 19.61
CA THR E 83 28.22 9.40 20.73
C THR E 83 26.71 9.22 20.61
N PHE E 84 26.27 8.22 19.87
CA PHE E 84 24.84 8.01 19.65
C PHE E 84 24.45 6.59 20.01
N GLU E 85 23.21 6.40 20.42
CA GLU E 85 22.63 5.06 20.54
C GLU E 85 21.49 5.01 19.55
N ILE E 86 21.63 4.20 18.51
CA ILE E 86 20.66 4.26 17.41
C ILE E 86 20.25 2.85 17.01
N PRO E 87 19.06 2.72 16.41
CA PRO E 87 18.66 1.43 15.86
C PRO E 87 19.29 1.20 14.50
N VAL E 88 19.67 -0.04 14.24
CA VAL E 88 20.11 -0.47 12.91
C VAL E 88 19.23 -1.62 12.48
N ILE E 89 18.55 -1.44 11.34
CA ILE E 89 17.51 -2.34 10.88
C ILE E 89 17.98 -3.11 9.65
N LYS E 90 17.41 -4.30 9.46
CA LYS E 90 17.68 -5.14 8.31
C LYS E 90 16.45 -5.21 7.41
N ILE E 91 16.62 -4.84 6.15
CA ILE E 91 15.50 -4.69 5.21
C ILE E 91 14.71 -5.99 5.07
N GLU E 92 15.34 -7.14 5.32
CA GLU E 92 14.64 -8.41 5.15
C GLU E 92 13.46 -8.55 6.09
N SER E 93 13.36 -7.69 7.11
CA SER E 93 12.31 -7.73 8.11
C SER E 93 11.10 -6.88 7.74
N PHE E 94 11.08 -6.27 6.55
CA PHE E 94 10.04 -5.31 6.21
C PHE E 94 9.52 -5.58 4.81
N VAL E 95 8.34 -5.03 4.55
CA VAL E 95 7.79 -4.89 3.20
C VAL E 95 7.91 -3.42 2.80
N VAL E 96 8.46 -3.17 1.63
CA VAL E 96 8.51 -1.82 1.07
C VAL E 96 7.25 -1.64 0.23
N GLU E 97 6.47 -0.61 0.52
CA GLU E 97 5.27 -0.31 -0.24
C GLU E 97 5.42 1.06 -0.88
N ASP E 98 5.27 1.08 -2.20
CA ASP E 98 5.23 2.33 -2.94
C ASP E 98 3.96 3.07 -2.56
N ILE E 99 4.10 4.30 -2.10
CA ILE E 99 2.98 5.05 -1.55
C ILE E 99 1.93 5.34 -2.63
N ALA E 100 2.36 5.58 -3.87
CA ALA E 100 1.42 5.93 -4.92
C ALA E 100 0.58 4.73 -5.37
N THR E 101 1.18 3.54 -5.46
CA THR E 101 0.49 2.39 -6.04
C THR E 101 0.07 1.31 -5.05
N GLY E 102 0.76 1.16 -3.92
CA GLY E 102 0.43 0.11 -2.99
C GLY E 102 1.19 -1.18 -3.27
N VAL E 103 1.93 -1.21 -4.38
CA VAL E 103 2.76 -2.34 -4.75
C VAL E 103 3.71 -2.67 -3.61
N GLN E 104 3.75 -3.94 -3.22
CA GLN E 104 4.58 -4.37 -2.10
C GLN E 104 5.78 -5.10 -2.65
N THR E 105 6.95 -4.83 -2.07
CA THR E 105 8.18 -5.45 -2.51
C THR E 105 8.87 -6.09 -1.31
N LEU E 106 9.32 -7.32 -1.49
CA LEU E 106 10.07 -8.05 -0.46
C LEU E 106 11.54 -8.09 -0.82
N TYR E 107 12.34 -7.24 -0.18
CA TYR E 107 13.78 -7.28 -0.37
C TYR E 107 14.42 -8.14 0.71
N SER E 108 15.62 -8.63 0.41
CA SER E 108 16.39 -9.41 1.36
C SER E 108 17.68 -8.72 1.78
N LYS E 109 18.25 -7.86 0.94
CA LYS E 109 19.49 -7.18 1.23
C LYS E 109 19.35 -5.70 0.86
N TRP E 110 19.97 -4.83 1.69
CA TRP E 110 19.96 -3.40 1.42
C TRP E 110 20.65 -3.05 0.11
N LYS E 111 21.68 -3.80 -0.27
CA LYS E 111 22.39 -3.54 -1.52
C LYS E 111 21.45 -3.50 -2.73
N ASP E 112 20.38 -4.28 -2.69
CA ASP E 112 19.46 -4.40 -3.81
C ASP E 112 18.34 -3.35 -3.81
N PHE E 113 18.04 -2.72 -2.69
CA PHE E 113 16.97 -1.73 -2.60
C PHE E 113 17.52 -0.34 -2.93
N HIS E 114 17.15 0.19 -4.11
CA HIS E 114 17.68 1.46 -4.59
C HIS E 114 16.61 2.52 -4.34
N PHE E 115 16.96 3.44 -3.46
CA PHE E 115 16.16 4.59 -3.03
C PHE E 115 17.15 5.67 -2.61
N GLU E 116 16.61 6.82 -2.22
CA GLU E 116 17.44 7.92 -1.76
C GLU E 116 18.25 7.55 -0.53
N LYS E 117 19.52 7.15 -0.72
CA LYS E 117 20.36 6.73 0.40
C LYS E 117 21.10 7.94 0.97
N ILE E 118 20.40 8.63 1.87
CA ILE E 118 20.91 9.82 2.57
C ILE E 118 22.03 9.44 3.53
N PRO E 119 23.22 10.03 3.44
CA PRO E 119 24.26 9.70 4.42
C PRO E 119 23.87 10.25 5.78
N PHE E 120 24.20 9.51 6.83
CA PHE E 120 23.88 9.95 8.18
C PHE E 120 24.51 11.30 8.51
N ASP E 121 23.72 12.15 9.18
CA ASP E 121 24.15 13.48 9.62
C ASP E 121 23.76 13.67 11.07
N PRO E 122 24.72 13.82 12.00
CA PRO E 122 24.36 13.98 13.42
C PRO E 122 23.39 15.12 13.74
N ALA E 123 23.30 16.16 12.91
CA ALA E 123 22.40 17.28 13.19
C ALA E 123 20.93 16.92 12.93
#